data_2DR2
#
_entry.id   2DR2
#
_cell.length_a   132.300
_cell.length_b   132.300
_cell.length_c   137.000
_cell.angle_alpha   90.00
_cell.angle_beta   90.00
_cell.angle_gamma   90.00
#
_symmetry.space_group_name_H-M   'P 43 2 2'
#
loop_
_entity.id
_entity.type
_entity.pdbx_description
1 polymer 'transfer RNA-Trp'
2 polymer 'Tryptophanyl-tRNA synthetase'
3 non-polymer 'SULFATE ION'
4 non-polymer TRYPTOPHAN
#
loop_
_entity_poly.entity_id
_entity_poly.type
_entity_poly.pdbx_seq_one_letter_code
_entity_poly.pdbx_strand_id
1 'polyribonucleotide' GACCUCGUGGCGCAAUGGUAGCGCGUCUGACUCCAGAUCAGAAGGUUGCGUGUUCGAAUCACGUCGGGGUCACCA B
2 'polypeptide(L)'
;SAKGIDYDKLIVRFGSSKIDKELINRIERATGQRPHHFLRRGIFFSHRDMNQVLDAYENKKPFYLYTGRGPSSEAMHVGH
LIPFIFTKWLQDVFNVPLVIQMTDDEKYLWKDLTLDQAYSYAVENAKDIIACGFDINKTFIFSDLDYMGMSSGFYKNVVK
IQKHVTFNQVKGIFGFTDSDCIGKISFPAIQAAPSFSNSFPQIFRDRTDIQCLIPCAIDQDPYFRMTRDVAPRIGYPKPA
LLHSTFFPALQGAQTKMSASDPNSSIFLTDTAKQIKTKVNKHAFSGGRDTIEEHRQFGGNCDVDVSFMYLTFFLEDDDKL
EQIRKDYTSGAMLTGELKKALIEVLQPLIAEHQARRKEVTDEIVKEFMTPRKLSFDFQHHHHHH
;
A
#
loop_
_chem_comp.id
_chem_comp.type
_chem_comp.name
_chem_comp.formula
A RNA linking ADENOSINE-5'-MONOPHOSPHATE 'C10 H14 N5 O7 P'
C RNA linking CYTIDINE-5'-MONOPHOSPHATE 'C9 H14 N3 O8 P'
G RNA linking GUANOSINE-5'-MONOPHOSPHATE 'C10 H14 N5 O8 P'
SO4 non-polymer 'SULFATE ION' 'O4 S -2'
U RNA linking URIDINE-5'-MONOPHOSPHATE 'C9 H13 N2 O9 P'
#
# COMPACT_ATOMS: atom_id res chain seq x y z
N GLY B 4 -0.35 -20.80 -4.86
CA GLY B 4 -0.40 -19.31 -4.86
C GLY B 4 0.19 -18.70 -6.11
N ILE B 5 0.87 -17.56 -5.96
CA ILE B 5 1.49 -16.87 -7.08
C ILE B 5 3.02 -16.80 -6.94
N ASP B 6 3.68 -16.90 -8.09
CA ASP B 6 5.14 -16.87 -8.20
C ASP B 6 5.71 -15.47 -8.01
N TYR B 7 5.88 -15.05 -6.77
CA TYR B 7 6.41 -13.72 -6.53
C TYR B 7 7.86 -13.61 -6.98
N ASP B 8 8.63 -14.68 -6.82
CA ASP B 8 10.01 -14.67 -7.24
C ASP B 8 10.06 -14.56 -8.76
N LYS B 9 9.17 -15.26 -9.43
CA LYS B 9 9.16 -15.21 -10.88
C LYS B 9 8.71 -13.83 -11.30
N LEU B 10 7.89 -13.20 -10.45
CA LEU B 10 7.40 -11.84 -10.70
C LEU B 10 8.59 -10.90 -10.60
N ILE B 11 9.36 -11.08 -9.53
CA ILE B 11 10.55 -10.27 -9.30
C ILE B 11 11.43 -10.33 -10.52
N VAL B 12 11.78 -11.54 -10.96
CA VAL B 12 12.63 -11.68 -12.13
C VAL B 12 11.98 -11.08 -13.36
N ARG B 13 10.69 -11.34 -13.55
CA ARG B 13 9.98 -10.80 -14.71
C ARG B 13 10.16 -9.29 -14.81
N PHE B 14 9.67 -8.59 -13.80
CA PHE B 14 9.73 -7.13 -13.71
C PHE B 14 11.15 -6.57 -13.71
N GLY B 15 12.05 -7.23 -13.00
CA GLY B 15 13.41 -6.73 -12.95
C GLY B 15 13.78 -6.16 -11.60
N SER B 16 12.86 -6.23 -10.64
CA SER B 16 13.12 -5.71 -9.31
C SER B 16 14.10 -6.60 -8.55
N SER B 17 14.15 -6.43 -7.23
CA SER B 17 15.05 -7.19 -6.40
C SER B 17 14.35 -7.76 -5.18
N LYS B 18 14.78 -8.94 -4.80
CA LYS B 18 14.20 -9.62 -3.67
C LYS B 18 14.74 -9.05 -2.38
N ILE B 19 13.86 -8.87 -1.40
CA ILE B 19 14.28 -8.36 -0.11
C ILE B 19 14.78 -9.56 0.66
N ASP B 20 16.09 -9.65 0.84
CA ASP B 20 16.70 -10.75 1.58
C ASP B 20 17.05 -10.33 3.01
N LYS B 21 17.69 -11.22 3.75
CA LYS B 21 18.06 -10.92 5.14
C LYS B 21 19.04 -9.78 5.30
N GLU B 22 20.03 -9.72 4.43
CA GLU B 22 21.01 -8.67 4.52
C GLU B 22 20.31 -7.32 4.45
N LEU B 23 19.32 -7.20 3.56
CA LEU B 23 18.57 -5.95 3.42
C LEU B 23 17.76 -5.66 4.66
N ILE B 24 17.03 -6.66 5.15
CA ILE B 24 16.24 -6.47 6.35
C ILE B 24 17.16 -6.05 7.49
N ASN B 25 18.28 -6.74 7.64
CA ASN B 25 19.22 -6.40 8.71
C ASN B 25 19.75 -4.97 8.51
N ARG B 26 19.92 -4.57 7.25
CA ARG B 26 20.39 -3.23 6.98
C ARG B 26 19.37 -2.25 7.51
N ILE B 27 18.10 -2.51 7.20
CA ILE B 27 17.03 -1.64 7.64
C ILE B 27 17.11 -1.55 9.15
N GLU B 28 17.33 -2.69 9.80
CA GLU B 28 17.43 -2.67 11.25
C GLU B 28 18.60 -1.81 11.69
N ARG B 29 19.79 -2.17 11.21
CA ARG B 29 21.00 -1.45 11.54
C ARG B 29 20.86 0.04 11.25
N ALA B 30 20.02 0.38 10.28
CA ALA B 30 19.83 1.78 9.92
C ALA B 30 18.78 2.50 10.74
N THR B 31 17.91 1.77 11.43
CA THR B 31 16.87 2.43 12.20
C THR B 31 16.89 2.15 13.70
N GLY B 32 17.83 1.32 14.13
CA GLY B 32 17.93 0.99 15.54
C GLY B 32 16.64 0.44 16.07
N GLN B 33 15.87 -0.15 15.16
CA GLN B 33 14.59 -0.73 15.51
C GLN B 33 14.28 -1.99 14.74
N ARG B 34 13.53 -2.89 15.38
CA ARG B 34 13.18 -4.16 14.75
C ARG B 34 12.35 -4.01 13.49
N PRO B 35 12.86 -4.53 12.37
CA PRO B 35 12.09 -4.41 11.13
C PRO B 35 10.69 -4.98 11.25
N HIS B 36 9.73 -4.23 10.73
CA HIS B 36 8.31 -4.58 10.72
C HIS B 36 8.05 -6.01 10.26
N HIS B 37 7.01 -6.65 10.81
CA HIS B 37 6.73 -8.01 10.39
C HIS B 37 6.46 -8.14 8.89
N PHE B 38 5.91 -7.10 8.27
CA PHE B 38 5.69 -7.18 6.83
C PHE B 38 7.02 -7.52 6.16
N LEU B 39 8.12 -7.04 6.72
CA LEU B 39 9.43 -7.33 6.14
C LEU B 39 9.91 -8.71 6.55
N ARG B 40 9.77 -8.99 7.85
CA ARG B 40 10.20 -10.27 8.39
C ARG B 40 9.45 -11.45 7.77
N ARG B 41 8.14 -11.29 7.58
CA ARG B 41 7.30 -12.34 7.01
C ARG B 41 7.13 -12.36 5.50
N GLY B 42 7.81 -11.50 4.77
CA GLY B 42 7.67 -11.55 3.33
C GLY B 42 6.57 -10.75 2.65
N ILE B 43 5.71 -10.09 3.43
CA ILE B 43 4.63 -9.25 2.86
C ILE B 43 5.21 -8.23 1.88
N PHE B 44 6.28 -7.56 2.30
CA PHE B 44 7.00 -6.60 1.43
C PHE B 44 8.22 -7.41 1.09
N PHE B 45 8.25 -7.92 -0.14
CA PHE B 45 9.28 -8.83 -0.63
C PHE B 45 10.15 -8.32 -1.74
N SER B 46 9.69 -7.32 -2.46
CA SER B 46 10.46 -6.83 -3.59
C SER B 46 10.84 -5.37 -3.37
N HIS B 47 11.89 -4.92 -4.06
CA HIS B 47 12.31 -3.55 -3.92
C HIS B 47 13.10 -3.10 -5.11
N ARG B 48 13.36 -1.79 -5.14
CA ARG B 48 14.15 -1.16 -6.17
C ARG B 48 14.97 -0.04 -5.54
N ASP B 49 16.28 -0.22 -5.52
CA ASP B 49 17.21 0.75 -4.98
C ASP B 49 17.14 1.01 -3.48
N MET B 50 16.54 0.11 -2.72
CA MET B 50 16.44 0.33 -1.28
C MET B 50 17.80 0.56 -0.63
N ASN B 51 18.84 -0.09 -1.12
CA ASN B 51 20.18 0.07 -0.54
C ASN B 51 20.70 1.47 -0.74
N GLN B 52 20.33 2.08 -1.85
CA GLN B 52 20.76 3.43 -2.12
C GLN B 52 20.02 4.34 -1.15
N VAL B 53 18.76 4.04 -0.91
CA VAL B 53 17.97 4.83 0.02
C VAL B 53 18.70 4.74 1.36
N LEU B 54 19.04 3.50 1.75
CA LEU B 54 19.73 3.25 3.00
C LEU B 54 21.08 3.95 3.03
N ASP B 55 21.86 3.84 1.97
CA ASP B 55 23.16 4.49 1.92
C ASP B 55 22.98 5.99 2.16
N ALA B 56 22.11 6.60 1.37
CA ALA B 56 21.86 8.03 1.52
C ALA B 56 21.42 8.33 2.95
N TYR B 57 20.45 7.59 3.43
CA TYR B 57 19.94 7.80 4.78
C TYR B 57 21.05 7.70 5.81
N GLU B 58 21.76 6.58 5.81
CA GLU B 58 22.84 6.43 6.78
C GLU B 58 23.88 7.54 6.65
N ASN B 59 23.92 8.21 5.51
CA ASN B 59 24.90 9.27 5.27
C ASN B 59 24.27 10.65 5.40
N LYS B 60 23.25 10.74 6.24
CA LYS B 60 22.57 12.01 6.50
C LYS B 60 22.03 12.77 5.29
N LYS B 61 21.52 12.05 4.30
CA LYS B 61 20.94 12.68 3.12
C LYS B 61 19.45 12.44 3.22
N PRO B 62 18.63 13.42 2.85
CA PRO B 62 17.18 13.27 2.94
C PRO B 62 16.50 12.34 1.93
N PHE B 63 15.35 11.81 2.35
CA PHE B 63 14.52 11.00 1.48
C PHE B 63 13.10 11.13 2.01
N TYR B 64 12.12 11.12 1.13
CA TYR B 64 10.76 11.19 1.58
C TYR B 64 9.97 10.01 1.06
N LEU B 65 8.88 9.68 1.75
CA LEU B 65 8.03 8.58 1.35
C LEU B 65 6.90 9.11 0.48
N TYR B 66 6.50 8.26 -0.46
CA TYR B 66 5.42 8.58 -1.37
C TYR B 66 4.66 7.29 -1.57
N THR B 67 3.36 7.37 -1.36
CA THR B 67 2.49 6.23 -1.52
C THR B 67 1.14 6.83 -1.87
N GLY B 68 0.23 6.02 -2.36
CA GLY B 68 -1.06 6.57 -2.74
C GLY B 68 -2.23 5.63 -2.56
N ARG B 69 -3.40 6.16 -2.90
CA ARG B 69 -4.67 5.47 -2.77
C ARG B 69 -5.61 5.93 -3.85
N GLY B 70 -6.27 4.97 -4.49
CA GLY B 70 -7.24 5.28 -5.52
C GLY B 70 -8.59 5.26 -4.83
N PRO B 71 -9.23 6.42 -4.68
CA PRO B 71 -10.53 6.55 -4.01
C PRO B 71 -11.69 5.97 -4.83
N SER B 72 -11.70 4.66 -4.99
CA SER B 72 -12.73 3.96 -5.76
C SER B 72 -14.10 4.14 -5.12
N SER B 73 -14.13 4.17 -3.80
CA SER B 73 -15.38 4.34 -3.09
C SER B 73 -15.11 4.73 -1.65
N GLU B 74 -16.19 4.88 -0.91
CA GLU B 74 -16.10 5.24 0.49
C GLU B 74 -15.74 4.00 1.27
N ALA B 75 -15.89 2.84 0.64
CA ALA B 75 -15.60 1.55 1.26
C ALA B 75 -14.14 1.14 1.15
N MET B 76 -13.50 0.93 2.29
CA MET B 76 -12.13 0.49 2.30
C MET B 76 -12.02 -0.77 3.14
N HIS B 77 -11.38 -1.79 2.59
CA HIS B 77 -11.23 -3.01 3.34
C HIS B 77 -9.82 -3.15 3.89
N VAL B 78 -9.71 -4.06 4.85
CA VAL B 78 -8.49 -4.40 5.56
C VAL B 78 -7.25 -4.54 4.64
N GLY B 79 -7.47 -4.88 3.38
CA GLY B 79 -6.36 -5.04 2.45
C GLY B 79 -5.75 -3.77 1.90
N HIS B 80 -6.55 -2.69 1.88
CA HIS B 80 -6.11 -1.39 1.41
C HIS B 80 -5.15 -0.78 2.42
N LEU B 81 -5.30 -1.19 3.68
CA LEU B 81 -4.47 -0.68 4.76
C LEU B 81 -3.01 -1.15 4.77
N ILE B 82 -2.72 -2.32 4.23
CA ILE B 82 -1.36 -2.83 4.28
C ILE B 82 -0.25 -1.83 3.92
N PRO B 83 -0.31 -1.25 2.72
CA PRO B 83 0.75 -0.30 2.37
C PRO B 83 0.81 0.92 3.29
N PHE B 84 -0.33 1.30 3.85
CA PHE B 84 -0.34 2.45 4.75
C PHE B 84 0.16 2.05 6.12
N ILE B 85 -0.23 0.87 6.58
CA ILE B 85 0.26 0.38 7.85
C ILE B 85 1.78 0.35 7.74
N PHE B 86 2.29 -0.16 6.64
CA PHE B 86 3.73 -0.23 6.45
C PHE B 86 4.36 1.15 6.36
N THR B 87 3.79 2.02 5.52
CA THR B 87 4.34 3.36 5.36
C THR B 87 4.32 4.14 6.69
N LYS B 88 3.29 3.93 7.50
CA LYS B 88 3.24 4.64 8.75
C LYS B 88 4.45 4.20 9.57
N TRP B 89 4.71 2.91 9.55
CA TRP B 89 5.84 2.35 10.29
C TRP B 89 7.13 2.99 9.77
N LEU B 90 7.29 2.97 8.44
CA LEU B 90 8.47 3.54 7.79
C LEU B 90 8.71 4.97 8.20
N GLN B 91 7.62 5.72 8.34
CA GLN B 91 7.75 7.12 8.73
C GLN B 91 8.25 7.24 10.15
N ASP B 92 7.70 6.43 11.05
CA ASP B 92 8.15 6.47 12.43
C ASP B 92 9.63 6.11 12.49
N VAL B 93 9.91 4.91 12.02
CA VAL B 93 11.24 4.35 12.01
C VAL B 93 12.35 5.14 11.29
N PHE B 94 12.02 5.85 10.22
CA PHE B 94 13.04 6.62 9.52
C PHE B 94 12.89 8.12 9.79
N ASN B 95 11.70 8.49 10.25
CA ASN B 95 11.41 9.87 10.57
C ASN B 95 11.58 10.77 9.36
N VAL B 96 10.95 10.40 8.26
CA VAL B 96 11.02 11.20 7.05
C VAL B 96 9.65 11.77 6.71
N PRO B 97 9.60 12.81 5.86
CA PRO B 97 8.26 13.31 5.56
C PRO B 97 7.59 12.37 4.55
N LEU B 98 6.27 12.38 4.53
CA LEU B 98 5.52 11.52 3.63
C LEU B 98 4.51 12.29 2.80
N VAL B 99 4.28 11.80 1.60
CA VAL B 99 3.33 12.40 0.68
C VAL B 99 2.34 11.30 0.28
N ILE B 100 1.05 11.55 0.38
CA ILE B 100 0.06 10.55 0.02
C ILE B 100 -0.89 11.10 -1.05
N GLN B 101 -0.92 10.42 -2.19
CA GLN B 101 -1.73 10.82 -3.33
C GLN B 101 -3.07 10.13 -3.39
N MET B 102 -4.13 10.93 -3.49
CA MET B 102 -5.48 10.42 -3.61
C MET B 102 -5.76 10.67 -5.07
N THR B 103 -5.76 9.61 -5.85
CA THR B 103 -6.00 9.69 -7.29
C THR B 103 -7.48 9.77 -7.64
N ASP B 104 -8.17 10.75 -7.06
CA ASP B 104 -9.59 10.91 -7.33
C ASP B 104 -9.83 11.20 -8.79
N ASP B 105 -8.84 11.76 -9.48
CA ASP B 105 -9.02 12.04 -10.89
C ASP B 105 -8.86 10.77 -11.73
N GLU B 106 -8.14 9.79 -11.20
CA GLU B 106 -7.93 8.54 -11.89
C GLU B 106 -9.24 7.75 -11.82
N LYS B 107 -9.84 7.70 -10.63
CA LYS B 107 -11.08 6.98 -10.46
C LYS B 107 -12.15 7.65 -11.31
N TYR B 108 -12.09 8.97 -11.38
CA TYR B 108 -13.04 9.69 -12.20
C TYR B 108 -12.93 9.19 -13.64
N LEU B 109 -11.71 9.14 -14.16
CA LEU B 109 -11.45 8.67 -15.51
C LEU B 109 -11.82 7.19 -15.68
N TRP B 110 -11.63 6.39 -14.64
CA TRP B 110 -11.89 4.96 -14.76
C TRP B 110 -13.24 4.42 -14.31
N LYS B 111 -13.74 4.86 -13.16
CA LYS B 111 -15.02 4.39 -12.66
C LYS B 111 -16.13 5.27 -13.23
N ASP B 112 -17.37 4.87 -13.01
CA ASP B 112 -18.50 5.67 -13.47
C ASP B 112 -18.77 6.61 -12.31
N LEU B 113 -17.86 7.56 -12.14
CA LEU B 113 -17.95 8.51 -11.03
C LEU B 113 -17.97 9.94 -11.51
N THR B 114 -18.43 10.80 -10.62
CA THR B 114 -18.48 12.20 -10.92
C THR B 114 -17.36 12.91 -10.14
N LEU B 115 -16.83 14.02 -10.65
CA LEU B 115 -15.76 14.70 -9.96
C LEU B 115 -16.06 14.90 -8.48
N ASP B 116 -17.31 15.21 -8.14
CA ASP B 116 -17.64 15.41 -6.72
C ASP B 116 -17.53 14.12 -5.96
N GLN B 117 -18.13 13.06 -6.48
CA GLN B 117 -18.06 11.76 -5.80
C GLN B 117 -16.62 11.37 -5.60
N ALA B 118 -15.87 11.44 -6.71
CA ALA B 118 -14.46 11.11 -6.70
C ALA B 118 -13.78 11.85 -5.57
N TYR B 119 -13.86 13.17 -5.62
CA TYR B 119 -13.24 14.01 -4.59
C TYR B 119 -13.67 13.65 -3.18
N SER B 120 -14.97 13.43 -3.01
CA SER B 120 -15.50 13.10 -1.70
C SER B 120 -14.88 11.81 -1.21
N TYR B 121 -14.77 10.82 -2.11
CA TYR B 121 -14.18 9.54 -1.75
C TYR B 121 -12.74 9.72 -1.32
N ALA B 122 -12.05 10.64 -2.00
CA ALA B 122 -10.67 10.90 -1.65
C ALA B 122 -10.68 11.39 -0.22
N VAL B 123 -11.47 12.43 0.04
CA VAL B 123 -11.54 13.01 1.37
C VAL B 123 -11.98 12.01 2.41
N GLU B 124 -12.91 11.14 2.06
CA GLU B 124 -13.38 10.16 3.03
C GLU B 124 -12.28 9.15 3.35
N ASN B 125 -11.64 8.61 2.31
CA ASN B 125 -10.59 7.63 2.50
C ASN B 125 -9.47 8.22 3.34
N ALA B 126 -9.21 9.51 3.14
CA ALA B 126 -8.19 10.22 3.89
C ALA B 126 -8.39 10.01 5.39
N LYS B 127 -9.62 9.87 5.81
CA LYS B 127 -9.89 9.65 7.23
C LYS B 127 -9.32 8.31 7.68
N ASP B 128 -9.57 7.24 6.92
CA ASP B 128 -9.05 5.93 7.29
C ASP B 128 -7.52 5.93 7.20
N ILE B 129 -6.99 6.61 6.19
CA ILE B 129 -5.55 6.68 6.05
C ILE B 129 -4.98 7.41 7.28
N ILE B 130 -5.50 8.60 7.56
CA ILE B 130 -5.06 9.37 8.72
C ILE B 130 -5.20 8.53 10.00
N ALA B 131 -6.31 7.79 10.09
CA ALA B 131 -6.54 6.95 11.25
C ALA B 131 -5.38 5.97 11.49
N CYS B 132 -4.54 5.74 10.49
CA CYS B 132 -3.43 4.82 10.66
C CYS B 132 -2.32 5.38 11.55
N GLY B 133 -2.46 6.65 11.92
CA GLY B 133 -1.48 7.24 12.80
C GLY B 133 -0.35 8.01 12.16
N PHE B 134 -0.56 8.55 10.98
CA PHE B 134 0.49 9.32 10.34
C PHE B 134 0.66 10.61 11.12
N ASP B 135 1.88 11.16 11.08
CA ASP B 135 2.20 12.40 11.78
C ASP B 135 1.70 13.66 11.06
N ILE B 136 0.74 14.35 11.66
CA ILE B 136 0.18 15.58 11.10
C ILE B 136 1.30 16.51 10.63
N ASN B 137 2.42 16.51 11.34
CA ASN B 137 3.54 17.39 11.02
C ASN B 137 4.46 16.94 9.92
N LYS B 138 4.36 15.69 9.48
CA LYS B 138 5.28 15.28 8.43
C LYS B 138 4.68 14.45 7.30
N THR B 139 3.37 14.58 7.13
CA THR B 139 2.71 13.87 6.06
C THR B 139 1.68 14.79 5.43
N PHE B 140 1.67 14.82 4.10
CA PHE B 140 0.76 15.63 3.30
C PHE B 140 -0.12 14.72 2.44
N ILE B 141 -1.40 14.57 2.81
CA ILE B 141 -2.33 13.76 2.03
C ILE B 141 -2.93 14.76 1.05
N PHE B 142 -2.99 14.42 -0.23
CA PHE B 142 -3.55 15.34 -1.20
C PHE B 142 -4.33 14.65 -2.32
N SER B 143 -5.39 15.31 -2.81
CA SER B 143 -6.17 14.76 -3.90
C SER B 143 -5.63 15.40 -5.17
N ASP B 144 -5.56 14.63 -6.25
CA ASP B 144 -5.08 15.14 -7.51
C ASP B 144 -5.95 16.31 -7.96
N LEU B 145 -7.25 16.12 -7.88
CA LEU B 145 -8.18 17.17 -8.29
C LEU B 145 -7.91 18.53 -7.62
N ASP B 146 -7.56 18.50 -6.33
CA ASP B 146 -7.26 19.73 -5.58
C ASP B 146 -5.86 20.25 -5.82
N TYR B 147 -4.88 19.45 -5.44
CA TYR B 147 -3.50 19.84 -5.53
C TYR B 147 -3.05 20.34 -6.89
N MET B 148 -3.53 19.72 -7.97
CA MET B 148 -3.12 20.16 -9.28
C MET B 148 -3.39 21.65 -9.43
N GLY B 149 -4.57 22.06 -9.03
CA GLY B 149 -4.93 23.45 -9.14
C GLY B 149 -4.34 24.38 -8.11
N MET B 150 -3.51 23.86 -7.24
CA MET B 150 -2.91 24.71 -6.23
C MET B 150 -1.47 24.35 -5.95
N SER B 151 -0.71 24.14 -7.00
CA SER B 151 0.69 23.79 -6.84
C SER B 151 1.45 24.35 -8.03
N SER B 152 2.58 24.98 -7.72
CA SER B 152 3.41 25.58 -8.74
C SER B 152 4.42 24.60 -9.33
N GLY B 153 4.50 23.39 -8.79
CA GLY B 153 5.47 22.43 -9.30
C GLY B 153 4.92 21.13 -9.85
N PHE B 154 3.77 20.70 -9.33
CA PHE B 154 3.16 19.46 -9.75
C PHE B 154 2.80 19.38 -11.24
N TYR B 155 1.99 20.31 -11.72
CA TYR B 155 1.63 20.26 -13.13
C TYR B 155 2.87 20.32 -13.99
N LYS B 156 3.79 21.24 -13.66
CA LYS B 156 5.02 21.36 -14.44
C LYS B 156 5.73 20.02 -14.62
N ASN B 157 5.72 19.18 -13.60
CA ASN B 157 6.36 17.87 -13.71
C ASN B 157 5.52 16.93 -14.55
N VAL B 158 4.20 16.96 -14.34
CA VAL B 158 3.32 16.12 -15.14
C VAL B 158 3.63 16.43 -16.60
N VAL B 159 3.79 17.70 -16.94
CA VAL B 159 4.08 18.06 -18.31
C VAL B 159 5.47 17.57 -18.71
N LYS B 160 6.49 17.74 -17.85
CA LYS B 160 7.83 17.26 -18.18
C LYS B 160 7.74 15.74 -18.44
N ILE B 161 7.05 15.05 -17.56
CA ILE B 161 6.90 13.63 -17.67
C ILE B 161 6.15 13.23 -18.94
N GLN B 162 5.15 14.01 -19.32
CA GLN B 162 4.35 13.68 -20.49
C GLN B 162 5.06 13.90 -21.80
N LYS B 163 6.02 14.82 -21.82
CA LYS B 163 6.73 15.07 -23.06
C LYS B 163 7.74 13.96 -23.26
N HIS B 164 7.92 13.14 -22.25
CA HIS B 164 8.89 12.08 -22.34
C HIS B 164 8.32 10.69 -22.24
N VAL B 165 7.02 10.56 -22.49
CA VAL B 165 6.39 9.24 -22.48
C VAL B 165 5.45 9.19 -23.66
N THR B 166 5.76 8.32 -24.62
CA THR B 166 4.95 8.21 -25.83
C THR B 166 3.77 7.32 -25.57
N PHE B 167 2.80 7.39 -26.45
CA PHE B 167 1.60 6.58 -26.31
C PHE B 167 1.98 5.10 -26.38
N ASN B 168 2.84 4.76 -27.33
CA ASN B 168 3.26 3.38 -27.46
C ASN B 168 3.78 2.84 -26.15
N GLN B 169 4.53 3.68 -25.41
CA GLN B 169 5.08 3.26 -24.14
C GLN B 169 3.98 2.85 -23.17
N VAL B 170 3.03 3.74 -22.95
CA VAL B 170 1.96 3.42 -22.03
C VAL B 170 1.14 2.27 -22.56
N LYS B 171 0.98 2.26 -23.89
CA LYS B 171 0.23 1.20 -24.57
C LYS B 171 0.92 -0.09 -24.15
N GLY B 172 2.25 -0.09 -24.24
CA GLY B 172 3.01 -1.25 -23.83
C GLY B 172 2.94 -1.52 -22.34
N ILE B 173 3.24 -0.52 -21.53
CA ILE B 173 3.24 -0.71 -20.09
C ILE B 173 1.90 -0.97 -19.46
N PHE B 174 0.85 -0.29 -19.93
CA PHE B 174 -0.47 -0.45 -19.32
C PHE B 174 -1.47 -1.13 -20.22
N GLY B 175 -1.14 -1.18 -21.51
CA GLY B 175 -2.05 -1.82 -22.44
C GLY B 175 -3.24 -0.98 -22.82
N PHE B 176 -3.05 0.34 -22.96
CA PHE B 176 -4.15 1.21 -23.35
C PHE B 176 -4.38 0.90 -24.82
N THR B 177 -5.33 1.58 -25.45
CA THR B 177 -5.64 1.36 -26.85
C THR B 177 -6.16 2.68 -27.41
N ASP B 178 -6.01 2.87 -28.72
CA ASP B 178 -6.47 4.08 -29.40
C ASP B 178 -7.92 4.40 -29.00
N SER B 179 -8.59 3.39 -28.46
CA SER B 179 -9.98 3.53 -28.07
C SER B 179 -10.15 4.19 -26.70
N ASP B 180 -9.05 4.28 -25.97
CA ASP B 180 -9.08 4.88 -24.64
C ASP B 180 -9.12 6.41 -24.71
N CYS B 181 -9.67 7.02 -23.65
CA CYS B 181 -9.74 8.47 -23.62
C CYS B 181 -8.36 9.03 -23.32
N ILE B 182 -8.04 10.18 -23.92
CA ILE B 182 -6.75 10.80 -23.70
C ILE B 182 -6.48 11.05 -22.20
N GLY B 183 -7.53 10.96 -21.38
CA GLY B 183 -7.38 11.15 -19.95
C GLY B 183 -6.60 9.98 -19.34
N LYS B 184 -6.98 8.76 -19.70
CA LYS B 184 -6.30 7.55 -19.20
C LYS B 184 -4.91 7.45 -19.83
N ILE B 185 -4.82 7.77 -21.12
CA ILE B 185 -3.53 7.70 -21.81
C ILE B 185 -2.46 8.47 -21.05
N SER B 186 -2.79 9.66 -20.57
CA SER B 186 -1.79 10.45 -19.87
C SER B 186 -1.84 10.42 -18.35
N PHE B 187 -2.77 9.67 -17.79
CA PHE B 187 -2.83 9.61 -16.33
C PHE B 187 -1.55 9.13 -15.69
N PRO B 188 -0.83 8.19 -16.33
CA PRO B 188 0.41 7.72 -15.72
C PRO B 188 1.36 8.82 -15.23
N ALA B 189 1.44 9.94 -15.95
CA ALA B 189 2.31 11.02 -15.54
C ALA B 189 1.85 11.62 -14.20
N ILE B 190 0.55 11.64 -13.97
CA ILE B 190 0.05 12.20 -12.73
C ILE B 190 0.52 11.37 -11.54
N GLN B 191 0.61 10.06 -11.70
CA GLN B 191 1.03 9.20 -10.61
C GLN B 191 2.54 9.15 -10.48
N ALA B 192 3.23 9.55 -11.55
CA ALA B 192 4.68 9.56 -11.52
C ALA B 192 5.17 10.82 -10.82
N ALA B 193 4.52 11.94 -11.14
CA ALA B 193 4.86 13.27 -10.62
C ALA B 193 5.20 13.43 -9.14
N PRO B 194 4.47 12.74 -8.24
CA PRO B 194 4.87 12.96 -6.86
C PRO B 194 6.16 12.23 -6.47
N SER B 195 6.79 11.60 -7.46
CA SER B 195 8.04 10.89 -7.24
C SER B 195 9.17 11.90 -7.31
N PHE B 196 8.84 13.12 -7.72
CA PHE B 196 9.83 14.17 -7.85
C PHE B 196 9.53 15.30 -6.88
N SER B 197 10.35 15.41 -5.84
CA SER B 197 10.18 16.41 -4.79
C SER B 197 9.75 17.83 -5.19
N ASN B 198 10.24 18.35 -6.30
CA ASN B 198 9.82 19.70 -6.67
C ASN B 198 8.34 19.80 -7.08
N SER B 199 7.59 18.71 -6.92
CA SER B 199 6.16 18.75 -7.20
C SER B 199 5.50 19.27 -5.93
N PHE B 200 6.30 19.40 -4.88
CA PHE B 200 5.80 19.87 -3.61
C PHE B 200 6.71 20.99 -3.18
N PRO B 201 6.74 22.07 -3.96
CA PRO B 201 7.57 23.26 -3.72
C PRO B 201 7.38 23.80 -2.29
N GLN B 202 6.14 23.77 -1.84
CA GLN B 202 5.78 24.25 -0.53
C GLN B 202 6.29 23.34 0.57
N ILE B 203 7.01 22.29 0.22
CA ILE B 203 7.52 21.42 1.27
C ILE B 203 8.96 21.00 1.00
N PHE B 204 9.41 21.02 -0.24
CA PHE B 204 10.78 20.63 -0.50
C PHE B 204 11.61 21.76 -1.07
N ARG B 205 11.16 22.98 -0.78
CA ARG B 205 11.89 24.17 -1.18
C ARG B 205 12.47 24.09 -2.58
N ASP B 206 11.61 23.94 -3.58
CA ASP B 206 12.08 23.90 -4.96
C ASP B 206 13.27 22.96 -5.24
N ARG B 207 13.58 22.07 -4.31
CA ARG B 207 14.69 21.14 -4.49
C ARG B 207 14.28 20.03 -5.43
N THR B 208 15.22 19.55 -6.24
CA THR B 208 14.91 18.51 -7.22
C THR B 208 15.72 17.24 -7.11
N ASP B 209 16.43 17.05 -6.01
CA ASP B 209 17.24 15.84 -5.91
C ASP B 209 16.99 15.06 -4.65
N ILE B 210 15.89 15.33 -3.97
CA ILE B 210 15.62 14.59 -2.76
C ILE B 210 15.12 13.19 -3.11
N GLN B 211 15.81 12.19 -2.58
CA GLN B 211 15.48 10.79 -2.80
C GLN B 211 14.06 10.48 -2.38
N CYS B 212 13.32 9.80 -3.24
CA CYS B 212 11.95 9.41 -2.95
C CYS B 212 11.89 7.89 -2.80
N LEU B 213 11.12 7.40 -1.84
CA LEU B 213 10.97 5.95 -1.63
C LEU B 213 9.47 5.66 -1.72
N ILE B 214 9.07 4.84 -2.69
CA ILE B 214 7.65 4.54 -2.88
C ILE B 214 7.18 3.16 -2.40
N PRO B 215 6.63 3.08 -1.18
CA PRO B 215 6.18 1.74 -0.78
C PRO B 215 4.84 1.49 -1.49
N CYS B 216 4.66 0.31 -2.05
CA CYS B 216 3.41 0.03 -2.76
C CYS B 216 3.19 -1.43 -3.09
N ALA B 217 1.99 -1.73 -3.57
CA ALA B 217 1.66 -3.10 -3.93
C ALA B 217 2.33 -3.35 -5.27
N ILE B 218 2.86 -4.56 -5.41
CA ILE B 218 3.56 -4.97 -6.62
C ILE B 218 2.88 -4.63 -7.93
N ASP B 219 1.54 -4.57 -7.95
CA ASP B 219 0.83 -4.26 -9.19
C ASP B 219 0.88 -2.78 -9.57
N GLN B 220 1.55 -1.97 -8.76
CA GLN B 220 1.70 -0.56 -9.05
C GLN B 220 3.03 -0.30 -9.73
N ASP B 221 3.92 -1.27 -9.66
CA ASP B 221 5.24 -1.13 -10.24
C ASP B 221 5.29 -0.57 -11.67
N PRO B 222 4.39 -1.00 -12.56
CA PRO B 222 4.44 -0.46 -13.92
C PRO B 222 4.50 1.06 -14.00
N TYR B 223 3.75 1.74 -13.14
CA TYR B 223 3.76 3.21 -13.11
C TYR B 223 5.16 3.68 -12.80
N PHE B 224 5.77 3.04 -11.82
CA PHE B 224 7.08 3.43 -11.39
C PHE B 224 8.24 2.96 -12.25
N ARG B 225 8.03 1.89 -13.01
CA ARG B 225 9.07 1.45 -13.92
C ARG B 225 9.09 2.55 -14.97
N MET B 226 7.90 3.01 -15.35
CA MET B 226 7.82 4.07 -16.33
C MET B 226 8.43 5.34 -15.78
N THR B 227 8.22 5.57 -14.48
CA THR B 227 8.76 6.76 -13.83
C THR B 227 10.27 6.74 -13.77
N ARG B 228 10.82 5.63 -13.28
CA ARG B 228 12.26 5.43 -13.16
C ARG B 228 12.90 5.62 -14.52
N ASP B 229 12.11 5.33 -15.55
CA ASP B 229 12.55 5.44 -16.92
C ASP B 229 12.66 6.87 -17.45
N VAL B 230 11.73 7.74 -17.08
CA VAL B 230 11.79 9.10 -17.58
C VAL B 230 12.63 9.96 -16.66
N ALA B 231 12.65 9.62 -15.39
CA ALA B 231 13.40 10.37 -14.41
C ALA B 231 14.76 10.89 -14.93
N PRO B 232 15.66 10.00 -15.37
CA PRO B 232 16.97 10.42 -15.87
C PRO B 232 16.84 11.44 -16.97
N ARG B 233 15.96 11.13 -17.92
CA ARG B 233 15.72 11.97 -19.07
C ARG B 233 15.24 13.35 -18.73
N ILE B 234 14.70 13.53 -17.53
CA ILE B 234 14.24 14.85 -17.15
C ILE B 234 15.01 15.41 -15.97
N GLY B 235 16.24 14.91 -15.82
CA GLY B 235 17.13 15.37 -14.77
C GLY B 235 16.76 15.11 -13.34
N TYR B 236 15.99 14.05 -13.07
CA TYR B 236 15.61 13.75 -11.71
C TYR B 236 16.07 12.37 -11.30
N PRO B 237 16.16 12.13 -10.01
CA PRO B 237 16.58 10.80 -9.57
C PRO B 237 15.37 9.88 -9.71
N LYS B 238 15.58 8.58 -9.85
CA LYS B 238 14.43 7.68 -9.99
C LYS B 238 14.00 7.19 -8.64
N PRO B 239 12.69 7.07 -8.43
CA PRO B 239 12.18 6.60 -7.14
C PRO B 239 12.54 5.20 -6.77
N ALA B 240 12.83 5.00 -5.48
CA ALA B 240 13.15 3.68 -4.99
C ALA B 240 11.82 3.05 -4.60
N LEU B 241 11.76 1.73 -4.68
CA LEU B 241 10.53 1.04 -4.38
C LEU B 241 10.64 -0.07 -3.36
N LEU B 242 9.52 -0.31 -2.68
CA LEU B 242 9.38 -1.39 -1.73
C LEU B 242 8.03 -1.96 -2.12
N HIS B 243 8.03 -3.13 -2.75
CA HIS B 243 6.81 -3.80 -3.21
C HIS B 243 6.18 -4.72 -2.16
N SER B 244 4.85 -4.77 -2.15
CA SER B 244 4.13 -5.67 -1.25
C SER B 244 3.38 -6.69 -2.11
N THR B 245 3.02 -7.81 -1.49
CA THR B 245 2.28 -8.84 -2.19
C THR B 245 0.82 -8.41 -2.23
N PHE B 246 -0.01 -9.20 -2.90
CA PHE B 246 -1.44 -8.91 -2.99
C PHE B 246 -2.07 -9.39 -1.70
N PHE B 247 -3.01 -8.62 -1.15
CA PHE B 247 -3.70 -9.06 0.06
C PHE B 247 -4.68 -10.08 -0.50
N PRO B 248 -4.78 -11.25 0.14
CA PRO B 248 -5.70 -12.27 -0.35
C PRO B 248 -7.17 -11.92 -0.18
N ALA B 249 -7.98 -12.34 -1.16
CA ALA B 249 -9.42 -12.11 -1.06
C ALA B 249 -9.88 -13.28 -0.18
N LEU B 250 -11.04 -13.13 0.46
CA LEU B 250 -11.54 -14.20 1.31
C LEU B 250 -11.77 -15.48 0.52
N GLN B 251 -12.09 -15.34 -0.75
CA GLN B 251 -12.33 -16.50 -1.60
C GLN B 251 -11.04 -17.15 -2.06
N GLY B 252 -9.91 -16.59 -1.67
CA GLY B 252 -8.63 -17.16 -2.08
C GLY B 252 -7.64 -16.16 -2.65
N ALA B 253 -6.36 -16.52 -2.61
CA ALA B 253 -5.29 -15.65 -3.11
C ALA B 253 -5.45 -15.36 -4.61
N GLN B 254 -5.87 -16.38 -5.34
CA GLN B 254 -6.08 -16.28 -6.78
C GLN B 254 -7.16 -15.26 -7.11
N THR B 255 -8.35 -15.48 -6.56
CA THR B 255 -9.53 -14.63 -6.77
C THR B 255 -9.32 -13.12 -6.51
N LYS B 256 -10.14 -12.32 -7.16
CA LYS B 256 -10.10 -10.85 -7.05
C LYS B 256 -11.12 -10.32 -6.06
N MET B 257 -10.73 -9.26 -5.34
CA MET B 257 -11.62 -8.65 -4.35
C MET B 257 -11.94 -7.19 -4.70
N SER B 258 -13.08 -6.68 -4.24
CA SER B 258 -13.44 -5.30 -4.55
C SER B 258 -14.51 -4.71 -3.64
N ALA B 259 -14.40 -3.41 -3.37
CA ALA B 259 -15.34 -2.70 -2.52
C ALA B 259 -16.79 -2.90 -2.96
N SER B 260 -16.98 -3.52 -4.12
CA SER B 260 -18.32 -3.77 -4.63
C SER B 260 -18.94 -5.01 -3.99
N ASP B 261 -18.12 -6.03 -3.73
CA ASP B 261 -18.60 -7.26 -3.11
C ASP B 261 -18.20 -7.26 -1.65
N PRO B 262 -19.15 -7.01 -0.75
CA PRO B 262 -18.87 -6.98 0.69
C PRO B 262 -18.23 -8.24 1.28
N ASN B 263 -18.59 -9.42 0.79
CA ASN B 263 -18.00 -10.65 1.32
C ASN B 263 -16.70 -11.01 0.62
N SER B 264 -16.06 -10.00 0.05
CA SER B 264 -14.81 -10.16 -0.65
C SER B 264 -13.64 -9.90 0.27
N SER B 265 -13.91 -9.28 1.41
CA SER B 265 -12.87 -8.96 2.38
C SER B 265 -13.49 -8.31 3.59
N ILE B 266 -12.71 -8.13 4.66
CA ILE B 266 -13.20 -7.48 5.87
C ILE B 266 -13.06 -5.99 5.65
N PHE B 267 -14.17 -5.27 5.65
CA PHE B 267 -14.15 -3.83 5.44
C PHE B 267 -13.95 -3.10 6.76
N LEU B 268 -13.30 -1.93 6.67
CA LEU B 268 -12.99 -1.13 7.85
C LEU B 268 -14.18 -0.67 8.67
N THR B 269 -15.38 -0.84 8.13
CA THR B 269 -16.60 -0.44 8.84
C THR B 269 -17.30 -1.63 9.49
N ASP B 270 -16.94 -2.84 9.07
CA ASP B 270 -17.55 -4.06 9.61
C ASP B 270 -17.65 -4.09 11.12
N THR B 271 -18.65 -4.82 11.58
CA THR B 271 -18.91 -4.96 13.00
C THR B 271 -18.24 -6.22 13.50
N ALA B 272 -18.05 -6.33 14.82
CA ALA B 272 -17.42 -7.52 15.40
C ALA B 272 -18.12 -8.76 14.86
N LYS B 273 -19.46 -8.68 14.79
CA LYS B 273 -20.27 -9.78 14.32
C LYS B 273 -20.00 -10.09 12.86
N GLN B 274 -19.95 -9.05 12.02
CA GLN B 274 -19.68 -9.25 10.61
C GLN B 274 -18.27 -9.84 10.40
N ILE B 275 -17.33 -9.41 11.23
CA ILE B 275 -15.97 -9.90 11.16
C ILE B 275 -16.06 -11.41 11.32
N LYS B 276 -16.75 -11.84 12.38
CA LYS B 276 -16.93 -13.25 12.68
C LYS B 276 -17.64 -13.98 11.56
N THR B 277 -18.76 -13.43 11.11
CA THR B 277 -19.52 -14.05 10.04
C THR B 277 -18.73 -14.22 8.76
N LYS B 278 -18.11 -13.13 8.29
CA LYS B 278 -17.32 -13.18 7.06
C LYS B 278 -16.23 -14.23 7.06
N VAL B 279 -15.47 -14.30 8.16
CA VAL B 279 -14.39 -15.27 8.23
C VAL B 279 -14.94 -16.70 8.17
N ASN B 280 -15.80 -17.04 9.13
CA ASN B 280 -16.41 -18.36 9.19
C ASN B 280 -17.17 -18.71 7.92
N LYS B 281 -17.94 -17.79 7.39
CA LYS B 281 -18.73 -18.07 6.19
C LYS B 281 -18.08 -17.80 4.84
N HIS B 282 -16.86 -17.26 4.82
CA HIS B 282 -16.23 -16.96 3.53
C HIS B 282 -14.73 -17.15 3.40
N ALA B 283 -14.00 -17.08 4.51
CA ALA B 283 -12.57 -17.25 4.42
C ALA B 283 -12.27 -18.62 3.83
N PHE B 284 -11.57 -18.64 2.70
CA PHE B 284 -11.21 -19.90 2.07
C PHE B 284 -10.30 -20.64 3.03
N SER B 285 -10.29 -21.96 2.93
CA SER B 285 -9.49 -22.77 3.83
C SER B 285 -8.47 -23.69 3.16
N GLY B 286 -7.52 -24.12 3.98
CA GLY B 286 -6.48 -25.01 3.52
C GLY B 286 -6.58 -26.22 4.41
N GLY B 287 -7.62 -26.21 5.24
CA GLY B 287 -7.87 -27.31 6.14
C GLY B 287 -8.56 -28.43 5.40
N ARG B 288 -8.25 -29.66 5.78
CA ARG B 288 -8.83 -30.83 5.14
C ARG B 288 -10.34 -30.89 5.27
N ASP B 289 -10.97 -31.61 4.34
CA ASP B 289 -12.42 -31.78 4.33
C ASP B 289 -12.96 -32.18 5.69
N THR B 290 -12.80 -33.46 6.04
CA THR B 290 -13.27 -33.94 7.34
C THR B 290 -12.31 -33.62 8.48
N ILE B 291 -12.86 -33.41 9.66
CA ILE B 291 -12.05 -33.10 10.83
C ILE B 291 -11.04 -34.23 11.08
N GLU B 292 -11.26 -35.38 10.45
CA GLU B 292 -10.34 -36.49 10.64
C GLU B 292 -9.19 -36.46 9.64
N GLU B 293 -9.50 -36.13 8.39
CA GLU B 293 -8.46 -36.04 7.37
C GLU B 293 -7.47 -34.96 7.80
N HIS B 294 -8.00 -33.90 8.37
CA HIS B 294 -7.20 -32.78 8.84
C HIS B 294 -6.19 -33.26 9.89
N ARG B 295 -6.67 -33.98 10.88
CA ARG B 295 -5.79 -34.48 11.94
C ARG B 295 -4.60 -35.28 11.42
N GLN B 296 -4.83 -36.08 10.38
CA GLN B 296 -3.80 -36.94 9.81
C GLN B 296 -2.84 -36.21 8.85
N PHE B 297 -3.42 -35.46 7.93
CA PHE B 297 -2.68 -34.70 6.93
C PHE B 297 -2.29 -33.29 7.34
N GLY B 298 -3.00 -32.73 8.32
CA GLY B 298 -2.72 -31.38 8.74
C GLY B 298 -3.22 -30.43 7.67
N GLY B 299 -3.42 -29.16 8.03
CA GLY B 299 -3.91 -28.20 7.06
C GLY B 299 -2.82 -27.61 6.17
N ASN B 300 -3.25 -27.02 5.05
CA ASN B 300 -2.36 -26.38 4.09
C ASN B 300 -2.41 -24.88 4.38
N CYS B 301 -1.39 -24.36 5.05
CA CYS B 301 -1.37 -22.94 5.39
C CYS B 301 -1.04 -22.02 4.21
N ASP B 302 -0.59 -22.59 3.10
CA ASP B 302 -0.21 -21.79 1.95
C ASP B 302 -1.40 -21.20 1.23
N VAL B 303 -2.51 -21.92 1.24
CA VAL B 303 -3.71 -21.45 0.55
C VAL B 303 -4.78 -20.99 1.50
N ASP B 304 -4.58 -21.25 2.79
CA ASP B 304 -5.54 -20.88 3.80
C ASP B 304 -5.60 -19.37 4.04
N VAL B 305 -6.63 -18.74 3.49
CA VAL B 305 -6.82 -17.30 3.62
C VAL B 305 -6.75 -16.79 5.06
N SER B 306 -7.31 -17.55 6.01
CA SER B 306 -7.29 -17.12 7.40
C SER B 306 -5.86 -17.03 7.93
N PHE B 307 -5.02 -17.99 7.57
CA PHE B 307 -3.64 -17.94 8.03
C PHE B 307 -2.94 -16.77 7.36
N MET B 308 -3.19 -16.55 6.08
CA MET B 308 -2.56 -15.43 5.39
C MET B 308 -2.92 -14.18 6.17
N TYR B 309 -4.19 -14.07 6.54
CA TYR B 309 -4.66 -12.93 7.29
C TYR B 309 -3.83 -12.75 8.56
N LEU B 310 -3.70 -13.82 9.36
CA LEU B 310 -2.93 -13.77 10.59
C LEU B 310 -1.51 -13.36 10.30
N THR B 311 -1.01 -13.80 9.15
CA THR B 311 0.33 -13.48 8.73
C THR B 311 0.52 -11.97 8.62
N PHE B 312 -0.55 -11.27 8.23
CA PHE B 312 -0.54 -9.82 8.10
C PHE B 312 -0.83 -9.11 9.42
N PHE B 313 -1.71 -9.67 10.24
CA PHE B 313 -2.10 -8.98 11.45
C PHE B 313 -1.73 -9.54 12.83
N LEU B 314 -1.26 -10.78 12.89
CA LEU B 314 -0.86 -11.34 14.18
C LEU B 314 0.58 -10.91 14.34
N GLU B 315 0.79 -9.85 15.10
CA GLU B 315 2.13 -9.30 15.27
C GLU B 315 3.11 -10.19 16.02
N ASP B 316 2.60 -10.96 16.99
CA ASP B 316 3.46 -11.83 17.77
C ASP B 316 4.04 -12.97 16.95
N ASP B 317 5.33 -12.87 16.64
CA ASP B 317 6.00 -13.89 15.84
C ASP B 317 5.83 -15.29 16.38
N ASP B 318 6.03 -15.47 17.69
CA ASP B 318 5.91 -16.77 18.31
C ASP B 318 4.50 -17.30 18.22
N LYS B 319 3.53 -16.50 18.62
CA LYS B 319 2.14 -16.92 18.55
C LYS B 319 1.80 -17.41 17.15
N LEU B 320 2.21 -16.63 16.14
CA LEU B 320 1.92 -17.00 14.76
C LEU B 320 2.47 -18.37 14.46
N GLU B 321 3.69 -18.63 14.93
CA GLU B 321 4.31 -19.93 14.69
C GLU B 321 3.49 -21.07 15.29
N GLN B 322 3.04 -20.89 16.53
CA GLN B 322 2.21 -21.91 17.19
C GLN B 322 1.08 -22.29 16.24
N ILE B 323 0.37 -21.28 15.77
CA ILE B 323 -0.72 -21.51 14.86
C ILE B 323 -0.22 -22.23 13.64
N ARG B 324 0.81 -21.70 12.99
CA ARG B 324 1.31 -22.36 11.79
C ARG B 324 1.66 -23.81 12.10
N LYS B 325 2.36 -24.01 13.20
CA LYS B 325 2.76 -25.36 13.57
C LYS B 325 1.58 -26.28 13.78
N ASP B 326 0.68 -25.91 14.69
CA ASP B 326 -0.45 -26.75 14.98
C ASP B 326 -1.44 -26.88 13.82
N TYR B 327 -1.59 -25.84 13.03
CA TYR B 327 -2.52 -25.94 11.92
C TYR B 327 -1.94 -26.89 10.89
N THR B 328 -0.67 -26.69 10.60
CA THR B 328 0.01 -27.50 9.62
C THR B 328 0.06 -28.97 9.98
N SER B 329 0.21 -29.27 11.27
CA SER B 329 0.27 -30.67 11.71
C SER B 329 -1.12 -31.30 11.81
N GLY B 330 -2.13 -30.48 12.05
CA GLY B 330 -3.48 -30.99 12.16
C GLY B 330 -3.95 -30.85 13.60
N ALA B 331 -3.03 -30.44 14.49
CA ALA B 331 -3.36 -30.27 15.90
C ALA B 331 -4.45 -29.23 16.08
N MET B 332 -4.48 -28.24 15.20
CA MET B 332 -5.50 -27.20 15.24
C MET B 332 -6.37 -27.26 14.00
N LEU B 333 -7.67 -27.42 14.21
CA LEU B 333 -8.63 -27.49 13.11
C LEU B 333 -8.84 -26.08 12.56
N THR B 334 -9.13 -25.97 11.27
CA THR B 334 -9.31 -24.64 10.69
C THR B 334 -10.41 -23.85 11.39
N GLY B 335 -11.23 -24.52 12.18
CA GLY B 335 -12.29 -23.82 12.89
C GLY B 335 -11.70 -22.95 13.99
N GLU B 336 -10.70 -23.47 14.71
CA GLU B 336 -10.08 -22.72 15.79
C GLU B 336 -9.14 -21.68 15.20
N LEU B 337 -8.59 -22.00 14.03
CA LEU B 337 -7.70 -21.07 13.36
C LEU B 337 -8.54 -19.83 13.10
N LYS B 338 -9.64 -20.00 12.37
CA LYS B 338 -10.53 -18.89 12.06
C LYS B 338 -11.01 -18.20 13.34
N LYS B 339 -11.06 -18.96 14.43
CA LYS B 339 -11.47 -18.40 15.70
C LYS B 339 -10.37 -17.45 16.17
N ALA B 340 -9.12 -17.85 15.94
CA ALA B 340 -7.98 -17.04 16.34
C ALA B 340 -7.93 -15.76 15.52
N LEU B 341 -8.15 -15.91 14.22
CA LEU B 341 -8.11 -14.76 13.33
C LEU B 341 -9.16 -13.72 13.69
N ILE B 342 -10.28 -14.18 14.22
CA ILE B 342 -11.37 -13.27 14.58
C ILE B 342 -11.06 -12.49 15.85
N GLU B 343 -10.40 -13.13 16.82
CA GLU B 343 -10.05 -12.44 18.05
C GLU B 343 -8.97 -11.41 17.75
N VAL B 344 -8.30 -11.58 16.61
CA VAL B 344 -7.24 -10.67 16.21
C VAL B 344 -7.84 -9.51 15.43
N LEU B 345 -8.74 -9.84 14.50
CA LEU B 345 -9.38 -8.84 13.66
C LEU B 345 -10.37 -7.95 14.38
N GLN B 346 -11.18 -8.52 15.26
CA GLN B 346 -12.17 -7.73 15.94
C GLN B 346 -11.63 -6.54 16.71
N PRO B 347 -10.66 -6.77 17.62
CA PRO B 347 -10.13 -5.63 18.37
C PRO B 347 -9.42 -4.65 17.43
N LEU B 348 -8.86 -5.21 16.36
CA LEU B 348 -8.14 -4.44 15.36
C LEU B 348 -9.08 -3.51 14.61
N ILE B 349 -10.06 -4.07 13.90
CA ILE B 349 -11.00 -3.21 13.17
C ILE B 349 -11.66 -2.21 14.11
N ALA B 350 -11.96 -2.64 15.33
CA ALA B 350 -12.60 -1.78 16.29
C ALA B 350 -11.72 -0.57 16.56
N GLU B 351 -10.47 -0.85 16.90
CA GLU B 351 -9.52 0.21 17.19
C GLU B 351 -9.48 1.21 16.03
N HIS B 352 -9.42 0.71 14.80
CA HIS B 352 -9.39 1.59 13.64
C HIS B 352 -10.60 2.50 13.59
N GLN B 353 -11.78 1.91 13.75
CA GLN B 353 -13.03 2.66 13.71
C GLN B 353 -13.03 3.73 14.79
N ALA B 354 -12.35 3.42 15.88
CA ALA B 354 -12.25 4.30 17.01
C ALA B 354 -11.46 5.54 16.67
N ARG B 355 -10.21 5.33 16.29
CA ARG B 355 -9.33 6.44 15.97
C ARG B 355 -9.78 7.16 14.70
N ARG B 356 -10.54 6.48 13.84
CA ARG B 356 -11.02 7.13 12.63
C ARG B 356 -12.01 8.20 13.05
N LYS B 357 -12.83 7.86 14.04
CA LYS B 357 -13.84 8.77 14.53
C LYS B 357 -13.22 10.04 15.11
N GLU B 358 -12.03 9.89 15.69
CA GLU B 358 -11.35 11.02 16.28
C GLU B 358 -10.75 11.94 15.23
N VAL B 359 -10.97 11.60 13.96
CA VAL B 359 -10.45 12.41 12.85
C VAL B 359 -11.53 13.41 12.48
N THR B 360 -11.33 14.65 12.92
CA THR B 360 -12.27 15.73 12.67
C THR B 360 -12.14 16.28 11.25
N ASP B 361 -12.99 17.22 10.88
CA ASP B 361 -12.89 17.78 9.55
C ASP B 361 -11.70 18.70 9.50
N GLU B 362 -11.44 19.39 10.60
CA GLU B 362 -10.30 20.30 10.64
C GLU B 362 -9.00 19.49 10.56
N ILE B 363 -8.99 18.28 11.10
CA ILE B 363 -7.77 17.49 11.03
C ILE B 363 -7.53 17.05 9.58
N VAL B 364 -8.58 16.59 8.92
CA VAL B 364 -8.44 16.20 7.53
C VAL B 364 -8.02 17.43 6.74
N LYS B 365 -8.75 18.53 6.93
CA LYS B 365 -8.46 19.78 6.26
C LYS B 365 -6.98 20.11 6.37
N GLU B 366 -6.41 19.94 7.57
CA GLU B 366 -5.00 20.24 7.77
C GLU B 366 -4.12 19.36 6.93
N PHE B 367 -4.20 18.04 7.18
CA PHE B 367 -3.44 17.05 6.42
C PHE B 367 -3.43 17.38 4.95
N MET B 368 -4.62 17.68 4.42
CA MET B 368 -4.80 17.97 3.01
C MET B 368 -4.36 19.36 2.57
N THR B 369 -3.86 20.16 3.50
CA THR B 369 -3.41 21.50 3.14
C THR B 369 -1.92 21.49 2.82
N PRO B 370 -1.55 22.03 1.64
CA PRO B 370 -0.13 22.06 1.29
C PRO B 370 0.57 23.06 2.19
N ARG B 371 1.63 22.61 2.86
CA ARG B 371 2.40 23.45 3.77
C ARG B 371 3.78 22.87 4.07
N LYS B 372 4.62 23.70 4.66
CA LYS B 372 5.96 23.31 5.04
C LYS B 372 5.77 22.15 6.02
N LEU B 373 6.67 21.18 6.00
CA LEU B 373 6.52 20.04 6.88
C LEU B 373 7.70 19.81 7.80
N SER B 374 7.41 19.70 9.10
CA SER B 374 8.40 19.45 10.14
C SER B 374 9.80 19.18 9.59
N PHE B 375 10.02 17.97 9.08
CA PHE B 375 11.32 17.65 8.53
C PHE B 375 11.28 17.82 7.02
N ASP B 376 11.53 19.04 6.57
CA ASP B 376 11.53 19.37 5.14
C ASP B 376 12.58 18.62 4.33
S SO4 C . -10.65 -1.20 -4.88
O1 SO4 C . -12.08 -1.02 -4.55
O2 SO4 C . -10.20 -2.53 -4.43
O3 SO4 C . -10.48 -1.09 -6.34
O4 SO4 C . -9.87 -0.15 -4.22
N TRP D . -3.33 3.83 -8.40
CA TRP D . -3.22 3.56 -6.98
C TRP D . -4.47 2.86 -6.43
O TRP D . -5.40 2.61 -7.21
CB TRP D . -3.09 4.91 -6.26
CG TRP D . -1.72 5.53 -6.21
CD1 TRP D . -1.36 6.75 -6.72
CD2 TRP D . -0.54 4.96 -5.63
NE1 TRP D . -0.02 7.00 -6.49
CE2 TRP D . 0.52 5.93 -5.83
CE3 TRP D . -0.24 3.73 -4.94
CZ2 TRP D . 1.86 5.69 -5.35
CZ3 TRP D . 1.08 3.49 -4.47
CH2 TRP D . 2.12 4.47 -4.68
OXT TRP D . -4.55 2.50 -4.98
#